data_1GOY
#
_entry.id   1GOY
#
_cell.length_a   111.380
_cell.length_b   69.560
_cell.length_c   33.460
_cell.angle_alpha   90.00
_cell.angle_beta   90.00
_cell.angle_gamma   90.00
#
_symmetry.space_group_name_H-M   'P 21 21 21'
#
loop_
_entity.id
_entity.type
_entity.pdbx_description
1 polymer RIBONUCLEASE
2 non-polymer "GUANOSINE-3'-MONOPHOSPHATE"
3 non-polymer 'SULFATE ION'
4 water water
#
_entity_poly.entity_id   1
_entity_poly.type   'polypeptide(L)'
_entity_poly.pdbx_seq_one_letter_code
;FTPVTKAAVINTFDGVADYLIRYKRLPNDYITKSQASALGWVASKGDLAEVAPGKSIGGDVFSNREGRLPSAGSRTWREA
DINYVSGFRNADRLVYSSDWLIYKTTDHYATFTRIR
;
_entity_poly.pdbx_strand_id   A,B
#
loop_
_chem_comp.id
_chem_comp.type
_chem_comp.name
_chem_comp.formula
3GP non-polymer GUANOSINE-3'-MONOPHOSPHATE 'C10 H14 N5 O8 P'
SO4 non-polymer 'SULFATE ION' 'O4 S -2'
#
# COMPACT_ATOMS: atom_id res chain seq x y z
N VAL A 9 16.11 -0.76 -14.71
CA VAL A 9 15.23 0.25 -15.41
C VAL A 9 15.46 1.68 -14.86
N ILE A 10 14.68 2.64 -15.31
CA ILE A 10 14.74 4.04 -14.81
C ILE A 10 13.53 4.27 -13.85
N ASN A 11 13.81 4.15 -12.55
CA ASN A 11 12.77 4.33 -11.54
C ASN A 11 13.17 5.05 -10.25
N THR A 12 14.23 5.83 -10.29
CA THR A 12 14.71 6.58 -9.10
C THR A 12 14.24 8.04 -9.24
N PHE A 13 14.20 8.79 -8.12
CA PHE A 13 13.84 10.22 -8.16
C PHE A 13 14.62 10.97 -9.25
N ASP A 14 15.94 10.89 -9.22
CA ASP A 14 16.80 11.59 -10.16
C ASP A 14 16.69 11.04 -11.55
N GLY A 15 16.65 9.70 -11.71
CA GLY A 15 16.59 9.10 -13.05
C GLY A 15 15.32 9.48 -13.80
N VAL A 16 14.19 9.43 -13.11
CA VAL A 16 12.93 9.75 -13.77
C VAL A 16 12.82 11.28 -13.99
N ALA A 17 13.32 12.06 -13.03
CA ALA A 17 13.27 13.53 -13.12
C ALA A 17 14.03 14.02 -14.33
N ASP A 18 15.26 13.54 -14.47
CA ASP A 18 16.06 13.88 -15.66
C ASP A 18 15.49 13.40 -16.99
N TYR A 19 14.88 12.23 -17.01
CA TYR A 19 14.27 11.72 -18.23
C TYR A 19 13.07 12.61 -18.58
N LEU A 20 12.23 12.97 -17.59
CA LEU A 20 11.11 13.90 -17.81
C LEU A 20 11.59 15.24 -18.43
N ILE A 21 12.63 15.86 -17.84
CA ILE A 21 13.15 17.15 -18.33
C ILE A 21 13.62 16.96 -19.78
N ARG A 22 14.34 15.87 -20.03
CA ARG A 22 14.88 15.57 -21.35
C ARG A 22 13.88 15.16 -22.44
N TYR A 23 12.93 14.28 -22.12
CA TYR A 23 11.98 13.78 -23.14
C TYR A 23 10.55 14.23 -23.05
N LYS A 24 10.18 14.82 -21.91
CA LYS A 24 8.86 15.35 -21.65
C LYS A 24 7.79 14.28 -21.49
N ARG A 25 8.20 13.05 -21.20
CA ARG A 25 7.30 11.94 -20.93
C ARG A 25 8.06 11.04 -19.98
N LEU A 26 7.36 10.10 -19.41
CA LEU A 26 7.94 9.09 -18.57
C LEU A 26 8.72 8.05 -19.40
N PRO A 27 9.73 7.38 -18.80
CA PRO A 27 10.43 6.26 -19.49
C PRO A 27 9.46 5.12 -19.83
N ASN A 28 9.91 4.18 -20.68
CA ASN A 28 9.11 3.07 -21.21
C ASN A 28 8.56 2.05 -20.18
N ASP A 29 9.05 2.11 -18.94
CA ASP A 29 8.63 1.21 -17.88
C ASP A 29 7.39 1.69 -17.10
N TYR A 30 6.80 2.85 -17.46
CA TYR A 30 5.60 3.37 -16.79
C TYR A 30 4.28 3.08 -17.50
N ILE A 31 3.24 2.78 -16.70
CA ILE A 31 1.89 2.59 -17.27
C ILE A 31 0.87 3.25 -16.39
N THR A 32 -0.14 3.86 -17.01
CA THR A 32 -1.18 4.54 -16.25
C THR A 32 -2.04 3.48 -15.52
N LYS A 33 -2.90 3.97 -14.63
CA LYS A 33 -3.81 3.10 -13.89
C LYS A 33 -4.73 2.24 -14.75
N SER A 34 -5.36 2.84 -15.75
CA SER A 34 -6.24 2.11 -16.68
C SER A 34 -5.45 1.09 -17.53
N GLN A 35 -4.19 1.39 -17.94
CA GLN A 35 -3.33 0.40 -18.59
C GLN A 35 -3.05 -0.75 -17.65
N ALA A 36 -2.65 -0.46 -16.40
CA ALA A 36 -2.41 -1.48 -15.38
C ALA A 36 -3.67 -2.36 -15.13
N SER A 37 -4.83 -1.71 -14.99
CA SER A 37 -6.12 -2.40 -14.79
C SER A 37 -6.46 -3.33 -15.97
N ALA A 38 -6.24 -2.86 -17.22
CA ALA A 38 -6.44 -3.67 -18.43
C ALA A 38 -5.54 -4.90 -18.44
N LEU A 39 -4.36 -4.82 -17.83
CA LEU A 39 -3.47 -5.98 -17.76
C LEU A 39 -3.77 -6.99 -16.65
N GLY A 40 -4.72 -6.68 -15.77
CA GLY A 40 -5.00 -7.55 -14.64
C GLY A 40 -4.69 -7.05 -13.22
N TRP A 41 -4.10 -5.85 -13.10
CA TRP A 41 -3.79 -5.25 -11.81
C TRP A 41 -5.06 -4.88 -11.08
N VAL A 42 -5.08 -5.23 -9.81
CA VAL A 42 -6.18 -4.84 -8.93
C VAL A 42 -5.61 -4.17 -7.69
N ALA A 43 -6.12 -2.97 -7.44
CA ALA A 43 -5.81 -2.18 -6.27
C ALA A 43 -6.06 -3.04 -5.03
N SER A 44 -4.98 -3.32 -4.28
CA SER A 44 -5.01 -4.04 -2.98
C SER A 44 -4.47 -5.44 -3.01
N LYS A 45 -4.40 -6.00 -4.21
CA LYS A 45 -3.91 -7.32 -4.49
C LYS A 45 -2.39 -7.34 -4.52
N GLY A 46 -1.73 -6.21 -4.81
CA GLY A 46 -0.28 -6.11 -4.89
C GLY A 46 0.33 -6.97 -5.97
N ASP A 47 -0.39 -7.09 -7.08
CA ASP A 47 -0.01 -7.98 -8.21
C ASP A 47 0.66 -7.38 -9.42
N LEU A 48 0.85 -6.07 -9.39
CA LEU A 48 1.44 -5.35 -10.52
C LEU A 48 2.62 -6.04 -11.21
N ALA A 49 3.62 -6.48 -10.43
CA ALA A 49 4.83 -7.10 -10.96
C ALA A 49 4.57 -8.45 -11.63
N GLU A 50 3.50 -9.13 -11.26
CA GLU A 50 3.18 -10.41 -11.88
C GLU A 50 2.35 -10.21 -13.16
N VAL A 51 1.51 -9.17 -13.22
CA VAL A 51 0.73 -8.99 -14.46
C VAL A 51 1.43 -8.11 -15.51
N ALA A 52 2.41 -7.31 -15.04
CA ALA A 52 3.09 -6.30 -15.84
C ALA A 52 4.53 -6.26 -15.36
N PRO A 53 5.30 -7.36 -15.56
CA PRO A 53 6.68 -7.45 -15.08
C PRO A 53 7.55 -6.29 -15.47
N GLY A 54 8.26 -5.72 -14.48
CA GLY A 54 9.18 -4.62 -14.71
C GLY A 54 8.50 -3.25 -14.92
N LYS A 55 7.21 -3.16 -14.67
CA LYS A 55 6.46 -1.94 -14.89
C LYS A 55 6.15 -1.21 -13.61
N SER A 56 5.93 0.09 -13.69
CA SER A 56 5.53 0.93 -12.57
C SER A 56 4.32 1.76 -13.00
N ILE A 57 3.51 2.12 -12.02
CA ILE A 57 2.40 3.01 -12.28
C ILE A 57 2.87 4.47 -12.24
N GLY A 58 2.41 5.26 -13.21
CA GLY A 58 2.71 6.69 -13.35
C GLY A 58 2.05 7.28 -14.56
N GLY A 59 1.86 8.61 -14.55
CA GLY A 59 1.34 9.37 -15.67
C GLY A 59 -0.04 9.92 -15.45
N ASP A 60 -0.73 9.47 -14.39
CA ASP A 60 -2.09 9.92 -14.06
C ASP A 60 -2.11 11.31 -13.42
N VAL A 61 -3.28 11.93 -13.44
CA VAL A 61 -3.52 13.30 -12.94
C VAL A 61 -3.36 13.40 -11.43
N PHE A 62 -2.58 14.38 -10.98
CA PHE A 62 -2.54 14.69 -9.56
C PHE A 62 -3.30 16.01 -9.40
N SER A 63 -4.40 15.95 -8.65
CA SER A 63 -5.28 17.14 -8.45
C SER A 63 -4.78 18.28 -7.56
N ASN A 64 -3.89 18.02 -6.59
CA ASN A 64 -3.37 19.06 -5.66
C ASN A 64 -4.52 19.76 -4.87
N ARG A 65 -5.45 18.93 -4.38
CA ARG A 65 -6.66 19.30 -3.63
C ARG A 65 -6.33 20.02 -2.32
N GLU A 66 -5.25 19.57 -1.70
CA GLU A 66 -4.77 20.14 -0.44
C GLU A 66 -3.94 21.44 -0.64
N GLY A 67 -3.65 21.84 -1.88
CA GLY A 67 -2.90 23.06 -2.16
C GLY A 67 -1.47 23.15 -1.65
N ARG A 68 -0.84 22.00 -1.43
CA ARG A 68 0.55 21.90 -0.93
C ARG A 68 1.61 22.18 -1.99
N LEU A 69 1.21 22.27 -3.23
CA LEU A 69 2.14 22.53 -4.30
C LEU A 69 1.71 23.89 -4.86
N PRO A 70 2.63 24.66 -5.47
CA PRO A 70 2.23 25.99 -5.97
C PRO A 70 1.22 25.88 -7.12
N SER A 71 0.16 26.69 -7.16
CA SER A 71 -0.79 26.64 -8.30
C SER A 71 -0.63 27.82 -9.23
N ALA A 72 -0.96 27.65 -10.51
CA ALA A 72 -0.87 28.73 -11.49
C ALA A 72 -1.81 28.46 -12.63
N GLY A 73 -2.66 29.44 -12.98
CA GLY A 73 -3.58 29.37 -14.11
C GLY A 73 -2.99 28.59 -15.27
N SER A 74 -3.68 27.51 -15.64
CA SER A 74 -3.19 26.60 -16.70
C SER A 74 -2.25 25.47 -16.23
N ARG A 75 -1.73 25.53 -15.00
CA ARG A 75 -0.83 24.47 -14.47
C ARG A 75 -1.57 23.27 -13.91
N THR A 76 -1.23 22.13 -14.48
CA THR A 76 -1.72 20.82 -14.03
C THR A 76 -0.51 19.95 -13.55
N TRP A 77 -0.83 18.89 -12.82
CA TRP A 77 0.16 17.97 -12.25
C TRP A 77 -0.16 16.54 -12.58
N ARG A 78 0.89 15.74 -12.69
CA ARG A 78 0.83 14.30 -12.90
C ARG A 78 1.76 13.67 -11.87
N GLU A 79 1.54 12.39 -11.59
CA GLU A 79 2.35 11.67 -10.65
C GLU A 79 2.91 10.35 -11.18
N ALA A 80 3.96 9.85 -10.55
CA ALA A 80 4.56 8.56 -10.88
C ALA A 80 5.15 7.90 -9.68
N ASP A 81 4.98 6.58 -9.58
CA ASP A 81 5.55 5.77 -8.51
C ASP A 81 7.07 5.74 -8.67
N ILE A 82 7.75 5.82 -7.53
CA ILE A 82 9.20 5.77 -7.48
C ILE A 82 9.64 4.56 -6.64
N ASN A 83 10.79 3.98 -7.05
CA ASN A 83 11.45 2.83 -6.47
C ASN A 83 10.54 1.57 -6.35
N TYR A 84 9.49 1.45 -7.16
CA TYR A 84 8.69 0.24 -7.13
C TYR A 84 9.46 -0.92 -7.79
N VAL A 85 9.31 -2.14 -7.25
CA VAL A 85 9.93 -3.35 -7.84
C VAL A 85 8.83 -4.42 -7.94
N SER A 86 8.27 -4.83 -6.79
CA SER A 86 7.15 -5.77 -6.82
C SER A 86 6.43 -5.68 -5.53
N GLY A 87 5.28 -6.35 -5.50
CA GLY A 87 4.44 -6.41 -4.33
C GLY A 87 3.57 -5.18 -4.23
N PHE A 88 3.16 -4.89 -3.02
CA PHE A 88 2.37 -3.71 -2.67
C PHE A 88 3.12 -2.44 -3.00
N ARG A 89 2.42 -1.50 -3.63
CA ARG A 89 2.98 -0.20 -3.94
C ARG A 89 3.45 0.52 -2.65
N ASN A 90 4.52 1.29 -2.79
CA ASN A 90 5.12 2.01 -1.68
C ASN A 90 4.52 3.43 -1.53
N ALA A 91 5.20 4.29 -0.78
CA ALA A 91 4.73 5.66 -0.65
C ALA A 91 5.57 6.75 -1.35
N ASP A 92 6.45 6.34 -2.28
CA ASP A 92 7.35 7.21 -3.03
C ASP A 92 6.75 7.65 -4.36
N ARG A 93 6.66 8.97 -4.53
CA ARG A 93 6.11 9.54 -5.74
C ARG A 93 6.87 10.77 -6.19
N LEU A 94 6.97 10.92 -7.51
CA LEU A 94 7.43 12.12 -8.15
C LEU A 94 6.16 12.80 -8.61
N VAL A 95 6.01 14.09 -8.33
CA VAL A 95 4.87 14.84 -8.81
C VAL A 95 5.48 15.94 -9.72
N TYR A 96 4.99 16.09 -10.95
CA TYR A 96 5.57 16.96 -11.95
C TYR A 96 4.46 17.75 -12.66
N SER A 97 4.78 19.01 -12.89
CA SER A 97 3.84 19.98 -13.43
C SER A 97 3.95 20.14 -14.96
N SER A 98 2.92 20.72 -15.58
CA SER A 98 2.90 21.08 -17.03
C SER A 98 4.03 22.05 -17.43
N ASP A 99 4.48 22.87 -16.47
CA ASP A 99 5.64 23.77 -16.65
C ASP A 99 6.94 23.17 -16.10
N TRP A 100 6.97 21.86 -15.91
CA TRP A 100 8.18 21.09 -15.51
C TRP A 100 8.82 21.36 -14.13
N LEU A 101 8.02 21.79 -13.14
CA LEU A 101 8.46 21.81 -11.74
C LEU A 101 8.37 20.35 -11.32
N ILE A 102 9.31 19.88 -10.52
CA ILE A 102 9.30 18.48 -10.13
C ILE A 102 9.54 18.40 -8.63
N TYR A 103 8.60 17.76 -7.94
CA TYR A 103 8.67 17.54 -6.49
C TYR A 103 8.65 16.06 -6.20
N LYS A 104 9.34 15.69 -5.13
CA LYS A 104 9.33 14.33 -4.64
C LYS A 104 8.62 14.32 -3.29
N THR A 105 7.98 13.19 -3.04
CA THR A 105 7.36 12.87 -1.75
C THR A 105 7.67 11.46 -1.36
N THR A 106 8.07 11.26 -0.11
CA THR A 106 8.30 9.89 0.39
C THR A 106 7.25 9.52 1.42
N ASP A 107 6.15 10.26 1.52
CA ASP A 107 5.10 9.93 2.50
C ASP A 107 3.70 10.07 1.89
N HIS A 108 3.59 9.73 0.61
CA HIS A 108 2.32 9.71 -0.11
C HIS A 108 1.60 11.07 -0.06
N TYR A 109 2.30 12.11 -0.53
CA TYR A 109 1.75 13.44 -0.67
C TYR A 109 1.44 14.20 0.65
N ALA A 110 1.95 13.71 1.80
CA ALA A 110 1.84 14.45 3.05
C ALA A 110 2.76 15.66 2.93
N THR A 111 4.03 15.41 2.56
CA THR A 111 5.03 16.46 2.37
C THR A 111 5.79 16.33 1.05
N PHE A 112 6.19 17.49 0.51
CA PHE A 112 6.98 17.54 -0.71
C PHE A 112 8.34 18.24 -0.60
N THR A 113 9.28 17.84 -1.46
CA THR A 113 10.54 18.54 -1.68
C THR A 113 10.73 18.74 -3.17
N ARG A 114 11.03 19.98 -3.52
CA ARG A 114 11.32 20.33 -4.91
C ARG A 114 12.72 19.84 -5.30
N ILE A 115 12.82 19.22 -6.47
CA ILE A 115 14.12 18.73 -6.97
C ILE A 115 14.49 19.19 -8.40
N ARG A 116 13.50 19.66 -9.17
CA ARG A 116 13.73 20.38 -10.46
C ARG A 116 12.83 21.60 -10.52
N VAL B 9 -15.88 -7.87 20.78
CA VAL B 9 -14.80 -7.74 19.73
C VAL B 9 -13.65 -6.86 20.21
N ILE B 10 -12.43 -7.37 20.03
CA ILE B 10 -11.24 -6.58 20.29
C ILE B 10 -10.68 -6.47 18.90
N ASN B 11 -10.68 -5.21 18.40
CA ASN B 11 -10.25 -4.94 17.03
C ASN B 11 -9.52 -3.58 16.79
N THR B 12 -9.08 -2.92 17.86
CA THR B 12 -8.29 -1.65 17.75
C THR B 12 -6.81 -2.00 17.66
N PHE B 13 -5.94 -1.04 17.29
CA PHE B 13 -4.47 -1.27 17.24
C PHE B 13 -3.91 -1.69 18.60
N ASP B 14 -4.19 -0.90 19.64
CA ASP B 14 -3.75 -1.19 21.00
C ASP B 14 -4.46 -2.42 21.58
N GLY B 15 -5.74 -2.58 21.31
CA GLY B 15 -6.46 -3.73 21.84
C GLY B 15 -5.88 -5.02 21.28
N VAL B 16 -5.66 -5.12 19.98
CA VAL B 16 -5.13 -6.37 19.43
C VAL B 16 -3.66 -6.54 19.79
N ALA B 17 -2.90 -5.44 19.74
CA ALA B 17 -1.48 -5.50 20.08
C ALA B 17 -1.25 -5.99 21.50
N ASP B 18 -2.01 -5.50 22.49
CA ASP B 18 -1.84 -5.99 23.88
C ASP B 18 -2.20 -7.46 24.02
N TYR B 19 -3.30 -7.87 23.38
CA TYR B 19 -3.74 -9.27 23.45
C TYR B 19 -2.68 -10.24 22.86
N LEU B 20 -2.15 -9.91 21.68
CA LEU B 20 -1.06 -10.69 21.07
C LEU B 20 0.17 -10.76 21.95
N ILE B 21 0.55 -9.65 22.61
CA ILE B 21 1.72 -9.66 23.51
C ILE B 21 1.46 -10.60 24.68
N ARG B 22 0.30 -10.42 25.33
CA ARG B 22 -0.09 -11.27 26.43
C ARG B 22 -0.33 -12.72 26.08
N TYR B 23 -1.13 -13.01 25.03
CA TYR B 23 -1.57 -14.38 24.79
C TYR B 23 -0.96 -15.14 23.65
N LYS B 24 -0.19 -14.43 22.80
CA LYS B 24 0.51 -15.06 21.68
C LYS B 24 -0.42 -15.60 20.56
N ARG B 25 -1.63 -15.05 20.51
CA ARG B 25 -2.65 -15.44 19.54
C ARG B 25 -3.63 -14.28 19.48
N LEU B 26 -4.30 -14.17 18.36
CA LEU B 26 -5.35 -13.19 18.16
C LEU B 26 -6.57 -13.46 19.04
N PRO B 27 -7.36 -12.42 19.33
CA PRO B 27 -8.59 -12.57 20.14
C PRO B 27 -9.60 -13.47 19.42
N ASN B 28 -10.71 -13.84 20.06
CA ASN B 28 -11.65 -14.78 19.43
C ASN B 28 -12.50 -14.29 18.27
N ASP B 29 -12.46 -12.99 17.99
CA ASP B 29 -13.19 -12.46 16.84
C ASP B 29 -12.49 -12.59 15.48
N TYR B 30 -11.29 -13.17 15.45
CA TYR B 30 -10.50 -13.32 14.19
C TYR B 30 -10.55 -14.71 13.61
N ILE B 31 -10.54 -14.75 12.26
CA ILE B 31 -10.58 -16.01 11.51
C ILE B 31 -9.64 -15.85 10.31
N THR B 32 -8.97 -16.93 9.90
CA THR B 32 -8.10 -16.87 8.72
C THR B 32 -8.90 -16.73 7.43
N LYS B 33 -8.19 -16.40 6.35
CA LYS B 33 -8.82 -16.31 5.03
C LYS B 33 -9.44 -17.65 4.57
N SER B 34 -8.76 -18.79 4.82
CA SER B 34 -9.34 -20.10 4.44
C SER B 34 -10.65 -20.38 5.23
N GLN B 35 -10.63 -20.07 6.54
CA GLN B 35 -11.82 -20.13 7.37
C GLN B 35 -12.98 -19.28 6.82
N ALA B 36 -12.69 -18.04 6.44
CA ALA B 36 -13.69 -17.10 5.90
C ALA B 36 -14.33 -17.61 4.62
N SER B 37 -13.50 -18.19 3.74
CA SER B 37 -13.93 -18.77 2.48
C SER B 37 -14.81 -19.96 2.74
N ALA B 38 -14.43 -20.80 3.69
CA ALA B 38 -15.25 -21.97 4.07
C ALA B 38 -16.66 -21.55 4.50
N LEU B 39 -16.76 -20.39 5.18
CA LEU B 39 -18.06 -19.82 5.57
C LEU B 39 -18.85 -19.13 4.47
N GLY B 40 -18.20 -18.89 3.33
CA GLY B 40 -18.85 -18.22 2.21
C GLY B 40 -18.31 -16.86 1.81
N TRP B 41 -17.30 -16.29 2.50
CA TRP B 41 -16.69 -15.02 2.07
C TRP B 41 -16.12 -15.17 0.66
N VAL B 42 -16.42 -14.19 -0.16
CA VAL B 42 -15.77 -14.02 -1.46
C VAL B 42 -15.25 -12.59 -1.42
N ALA B 43 -13.98 -12.43 -1.75
CA ALA B 43 -13.33 -11.11 -1.69
C ALA B 43 -13.90 -10.02 -2.61
N SER B 44 -14.60 -10.39 -3.69
CA SER B 44 -15.15 -9.36 -4.57
C SER B 44 -16.57 -8.94 -4.15
N LYS B 45 -17.16 -9.70 -3.24
CA LYS B 45 -18.52 -9.47 -2.76
C LYS B 45 -18.70 -8.53 -1.56
N GLY B 46 -17.65 -8.33 -0.74
CA GLY B 46 -17.73 -7.52 0.47
C GLY B 46 -18.69 -8.04 1.54
N ASP B 47 -18.87 -9.37 1.58
CA ASP B 47 -19.84 -10.04 2.42
C ASP B 47 -19.37 -10.68 3.74
N LEU B 48 -18.15 -10.37 4.21
CA LEU B 48 -17.60 -11.00 5.44
C LEU B 48 -18.58 -10.95 6.61
N ALA B 49 -19.10 -9.76 6.87
CA ALA B 49 -20.09 -9.52 7.89
C ALA B 49 -21.42 -10.25 7.68
N GLU B 50 -21.80 -10.59 6.44
CA GLU B 50 -23.05 -11.34 6.25
C GLU B 50 -22.89 -12.82 6.62
N VAL B 51 -21.74 -13.39 6.23
CA VAL B 51 -21.49 -14.81 6.42
C VAL B 51 -20.84 -15.12 7.76
N ALA B 52 -20.20 -14.13 8.40
CA ALA B 52 -19.60 -14.32 9.73
C ALA B 52 -19.76 -13.06 10.62
N PRO B 53 -21.01 -12.71 10.97
CA PRO B 53 -21.28 -11.54 11.81
C PRO B 53 -20.32 -11.45 13.01
N GLY B 54 -19.75 -10.27 13.21
CA GLY B 54 -18.84 -10.02 14.29
C GLY B 54 -17.39 -10.45 14.10
N LYS B 55 -17.00 -11.03 12.97
CA LYS B 55 -15.63 -11.58 12.82
C LYS B 55 -14.76 -10.67 11.94
N SER B 56 -13.44 -10.79 12.12
CA SER B 56 -12.48 -10.07 11.29
C SER B 56 -11.47 -11.05 10.76
N ILE B 57 -10.89 -10.75 9.62
CA ILE B 57 -9.84 -11.56 9.02
C ILE B 57 -8.51 -11.25 9.68
N GLY B 58 -7.86 -12.33 10.11
CA GLY B 58 -6.53 -12.29 10.68
C GLY B 58 -5.87 -13.62 10.88
N GLY B 59 -4.54 -13.56 10.91
CA GLY B 59 -3.69 -14.70 11.22
C GLY B 59 -2.96 -15.36 10.08
N ASP B 60 -3.09 -14.83 8.87
CA ASP B 60 -2.38 -15.37 7.69
C ASP B 60 -1.05 -14.68 7.52
N VAL B 61 -0.22 -15.33 6.69
CA VAL B 61 1.17 -14.96 6.43
C VAL B 61 1.23 -13.69 5.60
N PHE B 62 2.14 -12.80 6.01
CA PHE B 62 2.46 -11.57 5.28
C PHE B 62 3.87 -11.82 4.78
N SER B 63 4.09 -11.80 3.48
CA SER B 63 5.37 -12.26 2.94
C SER B 63 6.59 -11.34 3.13
N ASN B 64 6.33 -10.04 3.28
CA ASN B 64 7.37 -9.03 3.38
C ASN B 64 8.30 -9.03 2.16
N ARG B 65 7.80 -9.45 0.99
CA ARG B 65 8.66 -9.45 -0.20
C ARG B 65 9.16 -8.06 -0.63
N GLU B 66 8.45 -7.00 -0.22
CA GLU B 66 8.84 -5.62 -0.53
C GLU B 66 9.95 -5.14 0.35
N GLY B 67 10.29 -5.90 1.40
CA GLY B 67 11.34 -5.53 2.32
C GLY B 67 11.16 -4.28 3.20
N ARG B 68 9.93 -3.85 3.47
CA ARG B 68 9.76 -2.62 4.29
C ARG B 68 9.79 -2.91 5.81
N LEU B 69 9.77 -4.19 6.14
CA LEU B 69 9.86 -4.65 7.52
C LEU B 69 11.20 -5.35 7.71
N PRO B 70 11.80 -5.24 8.91
CA PRO B 70 13.14 -5.81 9.15
C PRO B 70 13.11 -7.30 8.94
N SER B 71 14.07 -7.83 8.18
CA SER B 71 14.12 -9.29 8.00
C SER B 71 15.24 -9.83 8.85
N ALA B 72 15.08 -11.08 9.27
CA ALA B 72 16.03 -11.82 10.08
C ALA B 72 15.79 -13.31 9.86
N GLY B 73 16.85 -14.12 10.07
CA GLY B 73 16.83 -15.58 9.92
C GLY B 73 15.77 -16.20 10.81
N SER B 74 14.84 -16.93 10.21
CA SER B 74 13.73 -17.59 10.94
C SER B 74 12.53 -16.72 11.34
N ARG B 75 12.65 -15.38 11.27
CA ARG B 75 11.52 -14.49 11.52
C ARG B 75 10.44 -14.58 10.41
N THR B 76 9.20 -14.73 10.85
CA THR B 76 8.03 -14.85 9.99
C THR B 76 7.04 -13.72 10.36
N TRP B 77 6.39 -13.13 9.35
CA TRP B 77 5.38 -12.11 9.57
C TRP B 77 3.94 -12.57 9.31
N ARG B 78 3.03 -12.08 10.15
CA ARG B 78 1.58 -12.33 10.01
C ARG B 78 0.82 -11.02 10.00
N GLU B 79 -0.44 -11.04 9.52
CA GLU B 79 -1.24 -9.80 9.47
C GLU B 79 -2.59 -9.99 10.09
N ALA B 80 -3.22 -8.90 10.56
CA ALA B 80 -4.61 -8.94 11.02
C ALA B 80 -5.28 -7.62 10.71
N ASP B 81 -6.56 -7.70 10.31
CA ASP B 81 -7.37 -6.50 10.00
C ASP B 81 -7.75 -5.75 11.28
N ILE B 82 -7.66 -4.42 11.18
CA ILE B 82 -7.98 -3.58 12.32
C ILE B 82 -9.19 -2.73 11.94
N ASN B 83 -9.99 -2.39 12.95
CA ASN B 83 -11.19 -1.57 12.80
C ASN B 83 -12.26 -2.11 11.85
N TYR B 84 -12.29 -3.41 11.56
CA TYR B 84 -13.32 -3.94 10.68
C TYR B 84 -14.62 -4.09 11.41
N VAL B 85 -15.72 -3.70 10.75
CA VAL B 85 -17.05 -3.91 11.30
C VAL B 85 -17.94 -4.58 10.26
N SER B 86 -17.98 -4.06 9.04
CA SER B 86 -18.80 -4.68 7.99
C SER B 86 -18.50 -4.11 6.60
N GLY B 87 -18.94 -4.83 5.57
CA GLY B 87 -18.71 -4.43 4.18
C GLY B 87 -17.34 -4.85 3.69
N PHE B 88 -16.83 -4.13 2.69
CA PHE B 88 -15.49 -4.41 2.16
C PHE B 88 -14.39 -4.18 3.23
N ARG B 89 -13.28 -4.90 3.10
CA ARG B 89 -12.15 -4.76 4.04
C ARG B 89 -11.50 -3.38 3.88
N ASN B 90 -10.96 -2.84 4.96
CA ASN B 90 -10.39 -1.49 4.92
C ASN B 90 -8.88 -1.57 4.66
N ALA B 91 -8.12 -0.54 5.05
CA ALA B 91 -6.70 -0.52 4.82
C ALA B 91 -5.91 -0.62 6.12
N ASP B 92 -6.55 -0.87 7.25
CA ASP B 92 -5.83 -0.99 8.53
C ASP B 92 -5.38 -2.39 8.82
N ARG B 93 -4.08 -2.51 9.11
CA ARG B 93 -3.48 -3.81 9.42
C ARG B 93 -2.49 -3.71 10.57
N LEU B 94 -2.42 -4.82 11.30
CA LEU B 94 -1.40 -5.05 12.29
C LEU B 94 -0.56 -6.15 11.66
N VAL B 95 0.75 -5.96 11.64
CA VAL B 95 1.70 -6.91 11.09
C VAL B 95 2.61 -7.27 12.27
N TYR B 96 2.66 -8.56 12.60
CA TYR B 96 3.37 -8.99 13.77
C TYR B 96 4.30 -10.12 13.43
N SER B 97 5.48 -10.13 14.06
CA SER B 97 6.49 -11.15 13.75
C SER B 97 6.45 -12.32 14.73
N SER B 98 7.19 -13.38 14.37
CA SER B 98 7.37 -14.57 15.21
C SER B 98 8.14 -14.24 16.50
N ASP B 99 9.00 -13.21 16.43
CA ASP B 99 9.69 -12.74 17.63
C ASP B 99 9.03 -11.47 18.23
N TRP B 100 7.73 -11.29 17.92
CA TRP B 100 6.88 -10.28 18.59
C TRP B 100 7.16 -8.79 18.35
N LEU B 101 7.68 -8.46 17.16
CA LEU B 101 7.77 -7.07 16.68
C LEU B 101 6.39 -6.80 16.13
N ILE B 102 5.81 -5.65 16.45
CA ILE B 102 4.49 -5.32 15.99
C ILE B 102 4.45 -3.99 15.27
N TYR B 103 3.96 -4.05 14.05
CA TYR B 103 3.82 -2.84 13.26
C TYR B 103 2.37 -2.58 12.88
N LYS B 104 2.05 -1.31 12.68
CA LYS B 104 0.75 -0.91 12.16
C LYS B 104 0.94 -0.20 10.86
N THR B 105 -0.11 -0.22 10.06
CA THR B 105 -0.22 0.48 8.81
C THR B 105 -1.69 0.86 8.65
N THR B 106 -1.93 2.03 8.07
CA THR B 106 -3.29 2.54 7.81
C THR B 106 -3.40 2.87 6.33
N ASP B 107 -2.45 2.35 5.55
CA ASP B 107 -2.43 2.60 4.10
C ASP B 107 -2.09 1.33 3.35
N HIS B 108 -2.55 0.22 3.91
CA HIS B 108 -2.44 -1.07 3.27
C HIS B 108 -1.01 -1.40 2.79
N TYR B 109 -0.06 -1.28 3.74
CA TYR B 109 1.38 -1.65 3.57
C TYR B 109 2.28 -0.71 2.79
N ALA B 110 1.78 0.46 2.44
CA ALA B 110 2.63 1.50 1.83
C ALA B 110 3.73 1.91 2.86
N THR B 111 3.27 2.28 4.08
CA THR B 111 4.13 2.66 5.20
C THR B 111 3.71 1.94 6.50
N PHE B 112 4.65 1.88 7.45
CA PHE B 112 4.48 1.20 8.72
C PHE B 112 5.00 2.03 9.90
N THR B 113 4.36 1.86 11.06
CA THR B 113 4.85 2.45 12.30
C THR B 113 5.00 1.29 13.32
N ARG B 114 6.19 1.14 13.93
CA ARG B 114 6.37 0.17 14.99
C ARG B 114 5.64 0.65 16.25
N ILE B 115 4.77 -0.21 16.82
CA ILE B 115 4.05 0.14 18.05
C ILE B 115 4.35 -0.77 19.24
N ARG B 116 4.96 -1.93 19.01
CA ARG B 116 5.47 -2.78 20.10
C ARG B 116 6.80 -3.34 19.68
P 3GP C . -1.86 6.84 -5.59
O1P 3GP C . -1.78 6.25 -4.24
O2P 3GP C . -0.59 7.41 -6.18
O3P 3GP C . -2.43 5.84 -6.53
O5' 3GP C . -4.58 9.76 -9.38
C5' 3GP C . -3.35 9.22 -8.91
C4' 3GP C . -3.18 9.29 -7.40
O4' 3GP C . -2.75 10.53 -6.78
C3' 3GP C . -3.75 8.63 -6.41
O3' 3GP C . -2.88 8.01 -5.45
C2' 3GP C . -4.56 9.49 -5.79
O2' 3GP C . -5.14 9.24 -4.75
C1' 3GP C . -3.99 10.68 -6.00
N9 3GP C . -4.45 11.95 -5.97
C8 3GP C . -4.86 12.55 -7.11
N7 3GP C . -5.15 13.84 -6.79
C5 3GP C . -4.87 14.01 -5.49
C6 3GP C . -4.96 15.16 -4.56
O6 3GP C . -5.36 16.26 -4.97
N1 3GP C . -4.58 14.96 -3.29
C2 3GP C . -4.11 13.76 -2.83
N2 3GP C . -3.74 13.68 -1.53
N3 3GP C . -4.01 12.65 -3.61
C4 3GP C . -4.36 12.75 -4.92
S SO4 D . -1.39 -2.17 -4.75
O1 SO4 D . -0.71 -2.66 -5.95
O2 SO4 D . -1.99 -3.30 -4.09
O3 SO4 D . -0.49 -1.51 -3.82
O4 SO4 D . -2.49 -1.29 -5.09
S SO4 E . -4.63 -8.19 2.69
O1 SO4 E . -3.63 -8.17 1.62
O2 SO4 E . -5.29 -9.49 2.72
O3 SO4 E . -4.19 -7.91 4.06
O4 SO4 E . -5.57 -7.13 2.38
S SO4 F . -13.47 -7.71 0.65
O1 SO4 F . -12.24 -8.16 0.00
O2 SO4 F . -13.75 -8.51 1.84
O3 SO4 F . -13.16 -6.30 0.94
O4 SO4 F . -14.62 -7.87 -0.20
#